data_1X7O
#
_entry.id   1X7O
#
_cell.length_a   76.623
_cell.length_b   76.623
_cell.length_c   208.935
_cell.angle_alpha   90.00
_cell.angle_beta   90.00
_cell.angle_gamma   90.00
#
_symmetry.space_group_name_H-M   'P 41 21 2'
#
loop_
_entity.id
_entity.type
_entity.pdbx_description
1 polymer 'rRNA methyltransferase'
2 water water
#
_entity_poly.entity_id   1
_entity_poly.type   'polypeptide(L)'
_entity_poly.pdbx_seq_one_letter_code
;(MSE)ARSRGERTPAARRITSRNARFQQWQALLGNRNKRTRAGEFLV(MSE)GVRPISLAVEHGWPVRTLLYDGQRELSK
WARELLRTVRTEQIA(MSE)APDLL(MSE)ELGEKNEAPPEVVAVVE(MSE)PADDLDRIPVREDFLGVLFDRPTSPGNI
GSIIRSADALGAHGLIVAGHAADVYDPKSVRSSTGSLFSLPAVRVPSPGEV(MSE)DWVEARRAAGTPIVLVGTDEHGDC
DVFDFDFTQPTLLLIGNETAGLSNAWRTLCDYTVSIP(MSE)AGSASSLNAANAATAILYEAVRQRISGRTATTP
;
_entity_poly.pdbx_strand_id   A,B
#
# COMPACT_ATOMS: atom_id res chain seq x y z
N ARG A 18 -29.18 16.07 14.17
CA ARG A 18 -28.80 16.12 12.73
C ARG A 18 -29.09 17.51 12.12
N ASN A 19 -28.49 18.53 12.78
CA ASN A 19 -28.52 19.92 12.33
C ASN A 19 -28.24 20.10 10.83
N ALA A 20 -28.71 21.21 10.25
CA ALA A 20 -28.41 21.53 8.86
C ALA A 20 -26.89 21.69 8.66
N ARG A 21 -26.21 22.20 9.69
CA ARG A 21 -24.74 22.28 9.70
C ARG A 21 -24.10 20.91 9.66
N PHE A 22 -24.60 20.01 10.50
CA PHE A 22 -24.10 18.65 10.54
C PHE A 22 -24.15 18.01 9.16
N GLN A 23 -25.29 18.16 8.48
CA GLN A 23 -25.50 17.50 7.21
C GLN A 23 -24.51 18.03 6.17
N GLN A 24 -24.10 19.29 6.33
CA GLN A 24 -23.10 19.87 5.42
C GLN A 24 -21.75 19.25 5.66
N TRP A 25 -21.41 18.97 6.92
CA TRP A 25 -20.14 18.31 7.23
C TRP A 25 -20.15 16.86 6.77
N GLN A 26 -21.27 16.17 7.00
CA GLN A 26 -21.50 14.80 6.52
C GLN A 26 -21.31 14.72 5.01
N ALA A 27 -21.81 15.72 4.29
CA ALA A 27 -21.71 15.75 2.84
C ALA A 27 -20.25 15.87 2.35
N LEU A 28 -19.37 16.39 3.18
CA LEU A 28 -17.94 16.44 2.86
C LEU A 28 -17.26 15.05 2.74
N LEU A 29 -17.95 13.98 3.17
CA LEU A 29 -17.44 12.62 3.03
C LEU A 29 -17.74 12.00 1.66
N GLY A 30 -18.72 12.51 0.93
CA GLY A 30 -19.08 12.00 -0.39
C GLY A 30 -18.26 12.64 -1.50
N ASN A 31 -18.89 13.06 -2.58
CA ASN A 31 -18.15 13.45 -3.80
C ASN A 31 -17.10 14.55 -3.58
N ARG A 32 -16.11 14.53 -4.46
CA ARG A 32 -15.06 15.54 -4.46
C ARG A 32 -15.57 16.97 -4.70
N ASN A 33 -16.58 17.13 -5.54
CA ASN A 33 -17.13 18.45 -5.83
C ASN A 33 -17.70 19.16 -4.61
N LYS A 34 -18.34 18.42 -3.69
CA LYS A 34 -18.90 19.03 -2.50
C LYS A 34 -17.81 19.65 -1.64
N ARG A 35 -16.70 18.93 -1.49
CA ARG A 35 -15.57 19.45 -0.74
C ARG A 35 -15.00 20.68 -1.44
N THR A 36 -14.87 20.59 -2.74
CA THR A 36 -14.24 21.65 -3.51
C THR A 36 -15.04 22.94 -3.46
N ARG A 37 -16.34 22.87 -3.70
CA ARG A 37 -17.11 24.09 -3.71
C ARG A 37 -17.22 24.74 -2.33
N ALA A 38 -17.19 23.94 -1.26
CA ALA A 38 -17.17 24.48 0.10
C ALA A 38 -15.76 24.88 0.52
N GLY A 39 -14.75 24.46 -0.23
CA GLY A 39 -13.37 24.79 0.07
C GLY A 39 -12.84 24.20 1.37
N GLU A 40 -13.33 23.02 1.73
CA GLU A 40 -12.96 22.42 3.01
C GLU A 40 -13.10 20.90 2.94
N PHE A 41 -12.42 20.25 3.86
CA PHE A 41 -12.50 18.82 4.05
C PHE A 41 -12.34 18.46 5.55
N LEU A 42 -12.73 17.25 5.91
CA LEU A 42 -12.64 16.78 7.28
C LEU A 42 -11.29 16.07 7.55
N VAL A 43 -10.72 16.34 8.71
CA VAL A 43 -9.50 15.70 9.18
C VAL A 43 -9.81 15.15 10.57
N GLY A 45 -8.84 12.90 14.08
CA GLY A 45 -7.77 12.44 14.95
C GLY A 45 -6.88 13.57 15.43
N VAL A 46 -6.52 13.52 16.71
CA VAL A 46 -5.64 14.51 17.29
C VAL A 46 -4.33 14.66 16.49
N ARG A 47 -3.78 13.55 16.03
CA ARG A 47 -2.46 13.60 15.43
C ARG A 47 -2.50 14.31 14.10
N PRO A 48 -3.35 13.88 13.15
CA PRO A 48 -3.54 14.63 11.91
C PRO A 48 -3.91 16.09 12.05
N ILE A 49 -4.79 16.42 12.99
CA ILE A 49 -5.17 17.82 13.18
C ILE A 49 -3.96 18.63 13.65
N SER A 50 -3.18 18.09 14.59
CA SER A 50 -1.95 18.77 15.07
C SER A 50 -0.97 19.08 13.95
N LEU A 51 -0.83 18.15 13.00
CA LEU A 51 0.03 18.34 11.85
C LEU A 51 -0.53 19.40 10.86
N ALA A 52 -1.85 19.46 10.71
CA ALA A 52 -2.45 20.52 9.90
C ALA A 52 -2.14 21.89 10.52
N VAL A 53 -2.34 21.99 11.82
CA VAL A 53 -2.07 23.22 12.54
C VAL A 53 -0.59 23.58 12.46
N GLU A 54 0.28 22.62 12.70
CA GLU A 54 1.74 22.84 12.66
C GLU A 54 2.28 23.31 11.30
N HIS A 55 1.68 22.86 10.20
CA HIS A 55 2.12 23.25 8.86
C HIS A 55 1.25 24.37 8.29
N GLY A 56 0.43 24.99 9.13
CA GLY A 56 -0.29 26.20 8.77
C GLY A 56 -1.55 26.08 7.94
N TRP A 57 -2.21 24.93 7.96
CA TRP A 57 -3.49 24.77 7.26
C TRP A 57 -4.57 25.42 8.11
N PRO A 58 -5.29 26.39 7.59
CA PRO A 58 -6.36 27.03 8.36
C PRO A 58 -7.46 26.02 8.78
N VAL A 59 -7.81 26.07 10.06
CA VAL A 59 -8.87 25.27 10.64
C VAL A 59 -10.06 26.17 10.86
N ARG A 60 -11.15 25.88 10.17
CA ARG A 60 -12.38 26.66 10.27
C ARG A 60 -13.19 26.28 11.51
N THR A 61 -13.26 24.98 11.83
CA THR A 61 -14.04 24.49 12.96
C THR A 61 -13.36 23.29 13.57
N LEU A 62 -13.57 23.12 14.87
CA LEU A 62 -13.08 21.97 15.61
C LEU A 62 -14.28 21.34 16.32
N LEU A 63 -14.57 20.08 16.01
CA LEU A 63 -15.67 19.35 16.63
C LEU A 63 -15.05 18.39 17.63
N TYR A 64 -15.55 18.36 18.86
CA TYR A 64 -15.03 17.41 19.86
C TYR A 64 -16.16 16.66 20.52
N ASP A 65 -15.81 15.60 21.22
CA ASP A 65 -16.78 14.77 21.91
C ASP A 65 -17.32 15.57 23.08
N GLY A 66 -18.64 15.60 23.21
CA GLY A 66 -19.33 16.41 24.19
C GLY A 66 -19.63 15.72 25.52
N GLN A 67 -19.80 14.39 25.49
CA GLN A 67 -19.87 13.58 26.72
C GLN A 67 -18.42 13.16 27.01
N ARG A 68 -17.71 14.06 27.68
CA ARG A 68 -16.26 14.17 27.46
C ARG A 68 -15.41 13.12 28.15
N GLU A 69 -14.89 12.22 27.32
CA GLU A 69 -13.60 11.60 27.60
C GLU A 69 -12.55 12.72 27.66
N LEU A 70 -12.11 13.18 26.49
CA LEU A 70 -11.13 14.24 26.34
C LEU A 70 -9.81 13.92 27.02
N SER A 71 -8.97 13.25 26.24
CA SER A 71 -7.57 13.05 26.54
C SER A 71 -6.81 14.35 26.72
N LYS A 72 -5.61 14.24 27.25
CA LYS A 72 -4.71 15.39 27.41
C LYS A 72 -4.44 16.06 26.06
N TRP A 73 -4.41 15.27 24.99
CA TRP A 73 -4.13 15.82 23.66
C TRP A 73 -5.28 16.70 23.18
N ALA A 74 -6.49 16.15 23.21
CA ALA A 74 -7.68 16.85 22.79
C ALA A 74 -7.83 18.18 23.54
N ARG A 75 -7.67 18.14 24.86
CA ARG A 75 -7.71 19.33 25.71
C ARG A 75 -6.70 20.35 25.24
N GLU A 76 -5.50 19.89 24.91
CA GLU A 76 -4.42 20.77 24.46
C GLU A 76 -4.75 21.44 23.12
N LEU A 77 -5.30 20.69 22.18
CA LEU A 77 -5.75 21.27 20.92
C LEU A 77 -6.79 22.36 21.18
N LEU A 78 -7.72 22.09 22.12
CA LEU A 78 -8.88 22.94 22.31
C LEU A 78 -8.53 24.27 22.93
N ARG A 79 -7.49 24.33 23.74
CA ARG A 79 -7.14 25.62 24.33
C ARG A 79 -5.98 26.32 23.61
N THR A 80 -5.47 25.69 22.57
CA THR A 80 -4.39 26.29 21.78
C THR A 80 -4.82 26.70 20.36
N VAL A 81 -5.84 26.05 19.79
CA VAL A 81 -6.27 26.31 18.42
C VAL A 81 -7.41 27.33 18.42
N ARG A 82 -7.07 28.54 17.99
CA ARG A 82 -7.99 29.67 17.99
C ARG A 82 -8.93 29.58 16.80
N THR A 83 -10.10 28.99 17.03
CA THR A 83 -11.08 28.75 15.98
C THR A 83 -12.44 28.44 16.57
N GLU A 84 -13.44 28.22 15.72
CA GLU A 84 -14.75 27.85 16.22
C GLU A 84 -14.67 26.43 16.78
N GLN A 85 -15.20 26.25 17.98
CA GLN A 85 -15.14 24.97 18.70
C GLN A 85 -16.54 24.54 19.10
N ILE A 86 -16.91 23.31 18.76
CA ILE A 86 -18.28 22.82 18.96
C ILE A 86 -18.31 21.42 19.59
N ALA A 87 -18.95 21.34 20.76
CA ALA A 87 -19.25 20.07 21.42
C ALA A 87 -20.32 19.31 20.65
N ALA A 89 -22.46 15.51 20.09
CA ALA A 89 -22.85 14.22 20.65
C ALA A 89 -21.99 13.13 20.02
N PRO A 90 -21.54 12.15 20.80
CA PRO A 90 -20.57 11.16 20.31
C PRO A 90 -21.06 10.34 19.12
N ASP A 91 -22.37 10.14 19.01
CA ASP A 91 -22.95 9.37 17.90
C ASP A 91 -23.02 10.19 16.61
N LEU A 92 -23.11 11.52 16.72
CA LEU A 92 -22.92 12.38 15.55
C LEU A 92 -21.48 12.27 15.05
N LEU A 93 -20.52 12.09 15.96
CA LEU A 93 -19.11 11.90 15.60
C LEU A 93 -18.83 10.49 15.03
N GLU A 95 -20.42 9.62 12.89
CA GLU A 95 -20.24 10.37 11.62
C GLU A 95 -19.34 9.67 10.66
N LEU A 96 -18.04 9.84 10.86
CA LEU A 96 -17.07 9.11 10.07
C LEU A 96 -16.00 8.44 10.90
N GLY A 97 -15.81 7.14 10.65
CA GLY A 97 -14.74 6.37 11.22
C GLY A 97 -14.34 5.37 10.16
N GLU A 98 -14.22 4.11 10.56
CA GLU A 98 -14.18 2.98 9.68
C GLU A 98 -14.92 2.05 10.60
N LYS A 99 -16.24 2.00 10.47
CA LYS A 99 -17.08 1.48 11.56
C LYS A 99 -16.41 0.30 12.30
N ASN A 100 -16.50 0.33 13.63
CA ASN A 100 -15.77 -0.60 14.53
C ASN A 100 -14.23 -0.47 14.39
N GLU A 101 -13.70 0.78 13.94
CA GLU A 101 -12.29 1.15 13.78
C GLU A 101 -12.14 2.66 13.95
N ALA A 102 -11.99 3.10 15.21
CA ALA A 102 -11.65 4.49 15.53
C ALA A 102 -12.82 5.48 15.38
N PRO A 103 -13.63 5.63 16.44
CA PRO A 103 -14.58 6.75 16.53
C PRO A 103 -13.87 8.03 17.01
N PRO A 104 -13.83 9.09 16.19
CA PRO A 104 -12.98 10.23 16.49
C PRO A 104 -13.44 10.99 17.74
N GLU A 105 -12.48 11.37 18.57
CA GLU A 105 -12.75 12.21 19.71
C GLU A 105 -12.74 13.67 19.28
N VAL A 106 -12.01 13.98 18.21
CA VAL A 106 -11.99 15.31 17.63
C VAL A 106 -11.91 15.23 16.10
N VAL A 107 -12.59 16.16 15.44
CA VAL A 107 -12.62 16.28 13.99
C VAL A 107 -12.51 17.75 13.61
N ALA A 108 -11.64 18.08 12.66
CA ALA A 108 -11.47 19.43 12.19
C ALA A 108 -12.01 19.63 10.79
N VAL A 109 -12.62 20.79 10.56
CA VAL A 109 -13.00 21.24 9.24
C VAL A 109 -11.84 22.10 8.80
N VAL A 110 -11.08 21.63 7.81
CA VAL A 110 -9.84 22.30 7.36
C VAL A 110 -10.00 22.87 5.95
N GLU A 111 -9.46 24.07 5.72
CA GLU A 111 -9.54 24.73 4.42
C GLU A 111 -8.67 24.02 3.40
N PRO A 113 -6.44 24.10 0.14
CA PRO A 113 -5.65 25.07 -0.62
C PRO A 113 -5.95 25.04 -2.12
N ALA A 114 -5.64 26.13 -2.80
CA ALA A 114 -5.76 26.21 -4.26
C ALA A 114 -4.99 25.09 -4.94
N ASP A 115 -5.53 24.57 -6.03
CA ASP A 115 -4.77 23.67 -6.91
C ASP A 115 -3.87 24.45 -7.87
N ASP A 116 -2.79 25.00 -7.31
CA ASP A 116 -1.84 25.83 -8.04
C ASP A 116 -0.49 25.13 -8.02
N LEU A 117 0.01 24.76 -9.19
CA LEU A 117 1.26 24.01 -9.29
C LEU A 117 2.47 24.71 -8.64
N ASP A 118 2.40 26.03 -8.47
CA ASP A 118 3.50 26.79 -7.87
C ASP A 118 3.68 26.54 -6.37
N ARG A 119 2.71 25.88 -5.75
CA ARG A 119 2.89 25.34 -4.39
C ARG A 119 3.98 24.26 -4.32
N ILE A 120 4.34 23.67 -5.46
CA ILE A 120 5.42 22.70 -5.52
C ILE A 120 6.73 23.38 -5.87
N PRO A 121 7.68 23.38 -4.93
CA PRO A 121 8.95 24.09 -5.15
C PRO A 121 9.79 23.28 -6.11
N VAL A 122 10.41 24.01 -7.03
CA VAL A 122 11.19 23.42 -8.09
C VAL A 122 12.61 23.94 -8.02
N ARG A 123 13.50 23.08 -7.56
CA ARG A 123 14.93 23.39 -7.49
C ARG A 123 15.70 22.45 -8.40
N GLU A 124 16.99 22.73 -8.53
CA GLU A 124 17.93 21.94 -9.31
C GLU A 124 17.81 20.43 -9.11
N ASP A 125 17.48 19.99 -7.91
CA ASP A 125 17.35 18.56 -7.60
C ASP A 125 15.88 18.13 -7.45
N PHE A 126 14.98 18.76 -8.20
CA PHE A 126 13.57 18.42 -8.15
C PHE A 126 13.31 16.92 -8.26
N LEU A 127 12.43 16.43 -7.38
CA LEU A 127 11.89 15.09 -7.43
C LEU A 127 10.40 15.22 -7.17
N GLY A 128 9.58 15.00 -8.19
CA GLY A 128 8.14 15.03 -8.06
C GLY A 128 7.49 13.77 -8.56
N VAL A 129 6.22 13.58 -8.19
CA VAL A 129 5.45 12.40 -8.57
C VAL A 129 4.14 12.88 -9.17
N LEU A 130 3.69 12.21 -10.20
CA LEU A 130 2.40 12.49 -10.81
C LEU A 130 1.69 11.16 -10.87
N PHE A 131 0.45 11.13 -10.40
CA PHE A 131 -0.41 9.95 -10.31
C PHE A 131 -1.57 10.20 -11.28
N ASP A 132 -1.54 9.47 -12.38
CA ASP A 132 -2.50 9.61 -13.46
C ASP A 132 -3.82 8.88 -13.23
N ARG A 133 -4.84 9.67 -12.85
CA ARG A 133 -6.25 9.24 -12.72
C ARG A 133 -6.41 8.00 -11.82
N PRO A 134 -5.95 8.12 -10.58
CA PRO A 134 -6.01 6.99 -9.66
C PRO A 134 -7.45 6.53 -9.43
N THR A 135 -7.60 5.22 -9.36
CA THR A 135 -8.86 4.59 -8.99
C THR A 135 -9.09 4.60 -7.47
N SER A 136 -8.03 4.41 -6.69
CA SER A 136 -8.18 4.16 -5.26
C SER A 136 -7.65 5.35 -4.47
N PRO A 137 -8.49 6.02 -3.67
CA PRO A 137 -7.99 7.07 -2.79
C PRO A 137 -6.93 6.62 -1.78
N GLY A 138 -7.02 5.40 -1.27
CA GLY A 138 -5.97 4.83 -0.43
C GLY A 138 -4.58 4.86 -1.08
N ASN A 139 -4.51 4.56 -2.39
CA ASN A 139 -3.23 4.62 -3.08
C ASN A 139 -2.67 6.03 -3.09
N ILE A 140 -3.52 7.05 -3.25
CA ILE A 140 -3.05 8.42 -3.27
C ILE A 140 -2.35 8.79 -1.96
N GLY A 141 -3.03 8.53 -0.85
CA GLY A 141 -2.50 8.82 0.47
C GLY A 141 -1.21 8.08 0.78
N SER A 142 -1.12 6.83 0.36
CA SER A 142 0.07 6.00 0.55
C SER A 142 1.23 6.60 -0.22
N ILE A 143 1.00 7.00 -1.47
CA ILE A 143 2.04 7.67 -2.26
C ILE A 143 2.43 8.97 -1.63
N ILE A 144 1.46 9.74 -1.10
CA ILE A 144 1.78 11.01 -0.43
C ILE A 144 2.72 10.71 0.73
N ARG A 145 2.43 9.64 1.46
CA ARG A 145 3.24 9.26 2.61
C ARG A 145 4.67 8.85 2.24
N SER A 146 4.80 8.00 1.24
CA SER A 146 6.11 7.58 0.74
C SER A 146 6.91 8.76 0.16
N ALA A 147 6.26 9.61 -0.61
CA ALA A 147 6.95 10.73 -1.25
C ALA A 147 7.50 11.69 -0.20
N ASP A 148 6.67 11.92 0.84
CA ASP A 148 7.04 12.72 1.99
C ASP A 148 8.25 12.13 2.68
N ALA A 149 8.18 10.83 2.98
CA ALA A 149 9.21 10.15 3.75
C ALA A 149 10.51 10.03 3.00
N LEU A 150 10.44 9.95 1.67
CA LEU A 150 11.63 9.67 0.88
C LEU A 150 12.23 10.91 0.19
N GLY A 151 11.76 12.09 0.55
CA GLY A 151 12.35 13.34 0.08
C GLY A 151 11.81 13.95 -1.21
N ALA A 152 10.77 13.39 -1.84
CA ALA A 152 10.11 14.06 -2.95
C ALA A 152 9.55 15.41 -2.49
N HIS A 153 9.34 16.31 -3.44
CA HIS A 153 8.99 17.71 -3.15
C HIS A 153 7.54 18.04 -3.47
N GLY A 154 6.84 17.14 -4.14
CA GLY A 154 5.41 17.28 -4.35
C GLY A 154 4.78 16.15 -5.15
N LEU A 155 3.45 16.04 -5.05
CA LEU A 155 2.65 15.16 -5.86
C LEU A 155 1.62 15.94 -6.68
N ILE A 156 1.49 15.60 -7.95
CA ILE A 156 0.36 16.01 -8.79
C ILE A 156 -0.57 14.81 -8.98
N VAL A 157 -1.86 15.00 -8.78
CA VAL A 157 -2.86 14.01 -9.11
C VAL A 157 -3.73 14.54 -10.24
N ALA A 158 -3.67 13.85 -11.38
CA ALA A 158 -4.38 14.24 -12.59
C ALA A 158 -5.72 13.55 -12.72
N GLY A 159 -6.70 14.27 -13.24
CA GLY A 159 -8.00 13.70 -13.55
C GLY A 159 -9.11 13.93 -12.54
N HIS A 160 -10.28 13.41 -12.89
CA HIS A 160 -11.48 13.49 -12.05
C HIS A 160 -11.90 12.12 -11.60
N ALA A 161 -10.92 11.36 -11.11
CA ALA A 161 -11.15 10.05 -10.52
C ALA A 161 -11.07 10.19 -8.98
N ALA A 162 -10.12 9.52 -8.34
CA ALA A 162 -10.01 9.53 -6.87
C ALA A 162 -9.37 10.88 -6.48
N ASP A 163 -9.77 11.36 -5.32
CA ASP A 163 -9.49 12.70 -4.81
C ASP A 163 -8.50 12.62 -3.65
N VAL A 164 -7.51 13.51 -3.68
CA VAL A 164 -6.55 13.75 -2.61
C VAL A 164 -7.24 13.94 -1.24
N TYR A 165 -8.37 14.65 -1.25
CA TYR A 165 -9.06 15.03 -0.02
C TYR A 165 -10.17 14.06 0.41
N ASP A 166 -10.29 12.94 -0.30
CA ASP A 166 -11.15 11.82 0.13
C ASP A 166 -10.65 11.35 1.48
N PRO A 167 -11.54 11.09 2.43
CA PRO A 167 -11.15 10.63 3.77
C PRO A 167 -10.18 9.45 3.78
N LYS A 168 -10.33 8.51 2.85
CA LYS A 168 -9.38 7.39 2.78
C LYS A 168 -7.98 7.84 2.40
N SER A 169 -7.85 8.84 1.53
CA SER A 169 -6.54 9.38 1.15
C SER A 169 -5.91 10.09 2.32
N VAL A 170 -6.66 11.02 2.92
CA VAL A 170 -6.25 11.76 4.10
C VAL A 170 -5.72 10.80 5.17
N ARG A 171 -6.51 9.78 5.49
CA ARG A 171 -6.16 8.76 6.46
C ARG A 171 -4.93 7.96 6.08
N SER A 172 -4.86 7.56 4.82
CA SER A 172 -3.73 6.81 4.31
C SER A 172 -2.41 7.57 4.41
N SER A 173 -2.48 8.87 4.18
CA SER A 173 -1.30 9.72 4.19
C SER A 173 -0.64 9.76 5.53
N THR A 174 -1.38 9.38 6.57
CA THR A 174 -0.95 9.44 7.96
C THR A 174 -0.40 10.83 8.35
N GLY A 175 -1.07 11.88 7.92
CA GLY A 175 -0.66 13.23 8.27
C GLY A 175 0.31 13.86 7.29
N SER A 176 0.85 13.07 6.35
CA SER A 176 1.83 13.58 5.39
C SER A 176 1.25 14.52 4.36
N LEU A 177 -0.06 14.44 4.14
CA LEU A 177 -0.78 15.41 3.32
C LEU A 177 -0.41 16.83 3.71
N PHE A 178 -0.18 17.07 4.99
CA PHE A 178 -0.02 18.43 5.50
C PHE A 178 1.40 18.99 5.31
N SER A 179 2.36 18.12 5.06
CA SER A 179 3.75 18.56 4.81
C SER A 179 4.21 18.43 3.36
N LEU A 180 3.51 17.64 2.55
CA LEU A 180 3.89 17.36 1.16
C LEU A 180 2.84 18.01 0.28
N PRO A 181 3.23 19.02 -0.49
CA PRO A 181 2.29 19.72 -1.39
C PRO A 181 1.70 18.78 -2.45
N ALA A 182 0.38 18.62 -2.42
CA ALA A 182 -0.34 17.72 -3.31
C ALA A 182 -1.30 18.61 -4.11
N VAL A 183 -1.18 18.60 -5.44
CA VAL A 183 -1.95 19.47 -6.31
C VAL A 183 -2.72 18.67 -7.34
N ARG A 184 -3.99 19.02 -7.53
CA ARG A 184 -4.86 18.35 -8.48
C ARG A 184 -4.93 19.16 -9.75
N VAL A 185 -4.85 18.48 -10.88
CA VAL A 185 -4.99 19.05 -12.19
C VAL A 185 -5.98 18.20 -12.97
N PRO A 186 -6.78 18.80 -13.82
CA PRO A 186 -7.79 18.02 -14.57
C PRO A 186 -7.20 17.11 -15.66
N SER A 187 -6.08 17.50 -16.28
CA SER A 187 -5.55 16.81 -17.46
C SER A 187 -4.10 17.22 -17.74
N PRO A 188 -3.41 16.54 -18.65
CA PRO A 188 -1.96 16.78 -18.82
C PRO A 188 -1.56 18.21 -19.25
N GLY A 189 -2.42 18.94 -19.95
CA GLY A 189 -2.05 20.23 -20.51
C GLY A 189 -1.53 21.25 -19.49
N GLU A 190 -2.27 21.44 -18.40
CA GLU A 190 -1.85 22.35 -17.35
C GLU A 190 -0.49 21.95 -16.76
N VAL A 191 -0.24 20.65 -16.63
CA VAL A 191 1.04 20.18 -16.11
C VAL A 191 2.20 20.50 -17.06
N ASP A 193 2.32 22.88 -19.37
CA ASP A 193 2.47 24.33 -19.30
C ASP A 193 3.47 24.71 -18.22
N TRP A 194 3.31 24.11 -17.06
CA TRP A 194 4.08 24.45 -15.88
C TRP A 194 5.49 23.91 -16.00
N VAL A 195 5.59 22.71 -16.55
CA VAL A 195 6.88 22.08 -16.78
C VAL A 195 7.71 22.87 -17.80
N GLU A 196 7.08 23.38 -18.85
CA GLU A 196 7.83 24.12 -19.88
C GLU A 196 8.33 25.46 -19.31
N ALA A 197 7.54 26.10 -18.47
CA ALA A 197 7.97 27.29 -17.74
C ALA A 197 9.15 27.02 -16.79
N ARG A 198 9.14 25.88 -16.08
CA ARG A 198 10.23 25.56 -15.16
C ARG A 198 11.56 25.38 -15.94
N ARG A 199 11.46 24.77 -17.13
CA ARG A 199 12.62 24.50 -17.98
C ARG A 199 13.22 25.78 -18.57
N ALA A 200 12.36 26.75 -18.87
CA ALA A 200 12.85 28.05 -19.36
C ALA A 200 13.65 28.78 -18.27
N ALA A 201 13.15 28.76 -17.04
CA ALA A 201 13.83 29.33 -15.89
C ALA A 201 15.17 28.64 -15.51
N GLY A 202 15.44 27.42 -15.99
CA GLY A 202 16.73 26.76 -15.73
C GLY A 202 16.76 25.40 -15.02
N THR A 203 15.61 24.70 -14.90
CA THR A 203 15.57 23.33 -14.35
C THR A 203 15.06 22.37 -15.41
N PRO A 204 15.96 21.59 -16.01
CA PRO A 204 15.60 20.69 -17.11
C PRO A 204 14.94 19.39 -16.63
N ILE A 205 13.73 19.55 -16.10
CA ILE A 205 12.91 18.46 -15.59
C ILE A 205 12.62 17.46 -16.68
N VAL A 206 12.84 16.18 -16.39
CA VAL A 206 12.48 15.09 -17.30
C VAL A 206 11.26 14.33 -16.77
N LEU A 207 10.32 14.04 -17.67
CA LEU A 207 9.16 13.19 -17.39
C LEU A 207 9.56 11.75 -17.58
N VAL A 208 9.36 10.94 -16.55
CA VAL A 208 9.75 9.53 -16.52
C VAL A 208 8.54 8.68 -16.13
N GLY A 209 7.99 7.96 -17.10
CA GLY A 209 6.85 7.09 -16.89
C GLY A 209 7.32 5.78 -16.30
N THR A 210 6.39 5.10 -15.65
CA THR A 210 6.64 3.80 -15.09
C THR A 210 5.71 2.86 -15.83
N ASP A 211 6.19 1.68 -16.15
CA ASP A 211 5.41 0.69 -16.88
C ASP A 211 6.08 -0.66 -16.66
N GLU A 212 5.39 -1.73 -17.06
CA GLU A 212 5.93 -3.08 -16.87
C GLU A 212 7.05 -3.32 -17.85
N HIS A 213 6.77 -2.98 -19.10
CA HIS A 213 7.71 -3.15 -20.19
C HIS A 213 8.32 -1.80 -20.54
N GLY A 214 8.98 -1.16 -19.59
CA GLY A 214 9.61 0.13 -19.81
C GLY A 214 10.88 0.03 -20.64
N ASP A 215 11.36 1.17 -21.13
CA ASP A 215 12.55 1.25 -22.00
C ASP A 215 13.83 0.83 -21.29
N CYS A 216 13.90 1.01 -19.97
CA CYS A 216 15.05 0.53 -19.19
C CYS A 216 14.71 0.29 -17.73
N ASP A 217 15.49 -0.59 -17.09
CA ASP A 217 15.35 -0.87 -15.67
C ASP A 217 15.61 0.37 -14.86
N VAL A 218 14.88 0.51 -13.75
CA VAL A 218 14.92 1.66 -12.88
C VAL A 218 16.32 1.95 -12.32
N PHE A 219 17.12 0.91 -12.09
CA PHE A 219 18.47 1.08 -11.58
C PHE A 219 19.48 1.50 -12.67
N ASP A 220 19.04 1.52 -13.93
CA ASP A 220 19.83 2.04 -15.07
C ASP A 220 19.44 3.45 -15.47
N PHE A 221 18.56 4.09 -14.71
CA PHE A 221 18.13 5.43 -15.04
C PHE A 221 18.80 6.41 -14.10
N ASP A 222 19.09 7.60 -14.63
CA ASP A 222 19.77 8.63 -13.87
C ASP A 222 18.78 9.47 -13.07
N PHE A 223 18.46 9.05 -11.86
CA PHE A 223 17.52 9.76 -11.00
C PHE A 223 18.10 10.94 -10.25
N THR A 224 19.39 11.24 -10.39
CA THR A 224 19.91 12.46 -9.76
C THR A 224 19.37 13.75 -10.46
N GLN A 225 18.92 13.57 -11.70
CA GLN A 225 18.50 14.72 -12.49
C GLN A 225 17.09 15.13 -12.03
N PRO A 226 16.75 16.40 -12.25
CA PRO A 226 15.42 16.86 -11.87
C PRO A 226 14.40 16.01 -12.62
N THR A 227 13.45 15.42 -11.89
CA THR A 227 12.66 14.29 -12.38
C THR A 227 11.20 14.42 -11.93
N LEU A 228 10.28 14.33 -12.89
CA LEU A 228 8.87 14.13 -12.56
C LEU A 228 8.54 12.69 -12.92
N LEU A 229 8.25 11.89 -11.90
CA LEU A 229 7.94 10.47 -12.03
C LEU A 229 6.43 10.27 -12.22
N LEU A 230 6.03 9.60 -13.29
CA LEU A 230 4.65 9.38 -13.64
C LEU A 230 4.22 7.96 -13.26
N ILE A 231 3.24 7.85 -12.36
CA ILE A 231 2.71 6.58 -11.92
C ILE A 231 1.32 6.42 -12.53
N GLY A 232 1.08 5.29 -13.16
CA GLY A 232 -0.17 5.06 -13.83
C GLY A 232 -1.26 4.50 -12.93
N ASN A 233 -2.46 4.56 -13.46
CA ASN A 233 -3.65 3.99 -12.85
C ASN A 233 -3.50 2.48 -12.64
N GLU A 234 -4.12 2.03 -11.56
CA GLU A 234 -3.95 0.70 -11.01
C GLU A 234 -4.27 -0.46 -11.96
N THR A 235 -5.27 -0.29 -12.83
CA THR A 235 -5.63 -1.33 -13.80
C THR A 235 -5.31 -1.00 -15.28
N ALA A 236 -5.45 0.26 -15.67
CA ALA A 236 -5.25 0.69 -17.06
C ALA A 236 -3.83 1.20 -17.38
N GLY A 237 -3.03 1.49 -16.36
CA GLY A 237 -1.73 2.12 -16.53
C GLY A 237 -1.80 3.58 -17.01
N LEU A 238 -0.65 4.11 -17.41
CA LEU A 238 -0.56 5.47 -17.89
C LEU A 238 -1.37 5.62 -19.15
N SER A 239 -2.02 6.75 -19.31
CA SER A 239 -2.84 7.01 -20.51
C SER A 239 -1.92 7.18 -21.70
N ASN A 240 -2.49 7.08 -22.89
CA ASN A 240 -1.76 7.32 -24.14
C ASN A 240 -1.20 8.74 -24.23
N ALA A 241 -1.97 9.71 -23.73
CA ALA A 241 -1.49 11.09 -23.70
C ALA A 241 -0.22 11.25 -22.84
N TRP A 242 -0.15 10.58 -21.70
CA TRP A 242 1.06 10.64 -20.86
C TRP A 242 2.27 9.89 -21.40
N ARG A 243 2.07 8.74 -22.04
CA ARG A 243 3.16 8.02 -22.68
C ARG A 243 3.77 8.81 -23.83
N THR A 244 2.93 9.53 -24.57
CA THR A 244 3.37 10.38 -25.66
C THR A 244 4.25 11.52 -25.13
N LEU A 245 3.94 12.01 -23.93
CA LEU A 245 4.68 13.09 -23.26
C LEU A 245 5.94 12.65 -22.49
N CYS A 246 6.03 11.36 -22.15
CA CYS A 246 7.21 10.86 -21.45
C CYS A 246 8.50 11.11 -22.25
N ASP A 247 9.54 11.59 -21.58
CA ASP A 247 10.88 11.64 -22.15
C ASP A 247 11.53 10.27 -22.07
N TYR A 248 11.25 9.55 -20.98
CA TYR A 248 11.77 8.21 -20.75
C TYR A 248 10.73 7.35 -20.08
N THR A 249 10.93 6.05 -20.20
CA THR A 249 10.12 5.07 -19.46
C THR A 249 11.04 4.07 -18.73
N VAL A 250 10.71 3.79 -17.47
CA VAL A 250 11.45 2.85 -16.66
C VAL A 250 10.54 1.77 -16.07
N SER A 251 11.15 0.66 -15.68
CA SER A 251 10.42 -0.43 -15.06
C SER A 251 11.22 -1.19 -14.00
N ILE A 252 10.48 -1.73 -13.04
CA ILE A 252 11.02 -2.61 -12.01
C ILE A 252 10.99 -4.00 -12.59
N PRO A 253 12.12 -4.69 -12.61
CA PRO A 253 12.16 -6.05 -13.15
C PRO A 253 11.34 -7.03 -12.29
N ALA A 255 9.67 -11.09 -11.54
CA ALA A 255 10.15 -12.48 -11.46
C ALA A 255 9.58 -13.32 -12.59
N GLY A 256 8.29 -13.13 -12.86
CA GLY A 256 7.63 -13.87 -13.94
C GLY A 256 6.73 -13.00 -14.80
N SER A 257 6.11 -13.65 -15.78
CA SER A 257 5.15 -12.99 -16.68
C SER A 257 3.86 -12.64 -15.96
N ALA A 258 3.55 -13.31 -14.86
CA ALA A 258 2.27 -13.20 -14.16
C ALA A 258 2.05 -11.98 -13.23
N SER A 259 2.71 -11.94 -12.07
CA SER A 259 2.40 -10.92 -11.04
C SER A 259 2.83 -9.50 -11.43
N SER A 260 2.40 -8.54 -10.62
CA SER A 260 2.67 -7.11 -10.81
C SER A 260 2.67 -6.43 -9.44
N LEU A 261 2.90 -5.13 -9.42
CA LEU A 261 2.92 -4.39 -8.16
C LEU A 261 1.77 -3.41 -8.07
N ASN A 262 1.19 -3.29 -6.86
CA ASN A 262 0.32 -2.17 -6.51
C ASN A 262 1.05 -0.87 -6.87
N ALA A 263 0.31 0.13 -7.34
CA ALA A 263 0.87 1.41 -7.76
C ALA A 263 1.68 2.12 -6.67
N ALA A 264 1.14 2.14 -5.44
CA ALA A 264 1.82 2.79 -4.32
C ALA A 264 3.12 2.07 -3.94
N ASN A 265 3.09 0.75 -3.99
CA ASN A 265 4.26 -0.08 -3.72
C ASN A 265 5.35 0.15 -4.76
N ALA A 266 4.95 0.27 -6.02
CA ALA A 266 5.86 0.53 -7.11
C ALA A 266 6.50 1.90 -6.93
N ALA A 267 5.65 2.88 -6.66
CA ALA A 267 6.08 4.24 -6.48
C ALA A 267 7.11 4.32 -5.36
N THR A 268 6.85 3.59 -4.28
CA THR A 268 7.72 3.61 -3.14
C THR A 268 9.05 3.03 -3.53
N ALA A 269 9.05 1.92 -4.27
CA ALA A 269 10.31 1.30 -4.65
C ALA A 269 11.11 2.20 -5.58
N ILE A 270 10.45 2.89 -6.49
CA ILE A 270 11.14 3.71 -7.48
C ILE A 270 11.62 5.02 -6.85
N LEU A 271 10.89 5.54 -5.90
CA LEU A 271 11.35 6.68 -5.13
C LEU A 271 12.56 6.29 -4.28
N TYR A 272 12.52 5.12 -3.64
CA TYR A 272 13.66 4.64 -2.87
C TYR A 272 14.90 4.53 -3.76
N GLU A 273 14.73 4.12 -5.01
CA GLU A 273 15.88 3.95 -5.91
C GLU A 273 16.50 5.31 -6.26
N ALA A 274 15.64 6.34 -6.37
CA ALA A 274 16.11 7.71 -6.59
C ALA A 274 16.92 8.19 -5.39
N VAL A 275 16.35 8.04 -4.18
CA VAL A 275 17.12 8.28 -2.94
C VAL A 275 18.46 7.56 -2.91
N ARG A 276 18.47 6.28 -3.27
CA ARG A 276 19.70 5.49 -3.20
C ARG A 276 20.80 6.09 -4.09
N GLN A 277 20.46 6.43 -5.33
CA GLN A 277 21.42 7.03 -6.28
C GLN A 277 21.81 8.45 -5.87
N ARG A 278 20.95 9.16 -5.16
CA ARG A 278 21.25 10.52 -4.78
C ARG A 278 22.22 10.59 -3.61
N ILE A 279 22.01 9.83 -2.56
CA ILE A 279 22.85 9.93 -1.37
C ILE A 279 24.19 9.25 -1.60
N SER A 280 25.23 10.10 -1.67
CA SER A 280 26.57 9.76 -2.12
C SER A 280 26.72 9.43 -3.64
N GLY A 281 25.66 8.91 -4.27
CA GLY A 281 25.70 8.58 -5.68
C GLY A 281 26.41 7.27 -5.96
N ARG A 282 25.70 6.02 -5.93
CA ARG A 282 26.40 4.75 -6.20
C ARG A 282 26.38 4.27 -7.67
N THR A 283 25.20 4.24 -8.31
CA THR A 283 25.14 3.88 -9.75
C THR A 283 24.04 4.58 -10.57
N ALA A 284 24.34 4.78 -11.85
CA ALA A 284 23.51 5.55 -12.79
C ALA A 284 23.60 7.05 -12.48
N ASN B 19 -31.90 -20.50 1.55
CA ASN B 19 -30.64 -21.13 1.04
C ASN B 19 -29.68 -21.41 2.22
N ALA B 20 -29.56 -22.69 2.58
CA ALA B 20 -28.76 -23.09 3.74
C ALA B 20 -27.26 -23.12 3.45
N ARG B 21 -26.89 -23.63 2.27
CA ARG B 21 -25.48 -23.65 1.86
C ARG B 21 -24.94 -22.22 1.72
N PHE B 22 -25.81 -21.33 1.22
CA PHE B 22 -25.48 -19.91 1.04
C PHE B 22 -25.16 -19.21 2.35
N GLN B 23 -25.91 -19.52 3.41
CA GLN B 23 -25.71 -18.91 4.73
C GLN B 23 -24.40 -19.32 5.41
N GLN B 24 -23.88 -20.48 4.99
CA GLN B 24 -22.55 -20.94 5.39
C GLN B 24 -21.47 -20.15 4.66
N TRP B 25 -21.72 -19.92 3.37
CA TRP B 25 -20.82 -19.18 2.49
C TRP B 25 -20.70 -17.68 2.83
N GLN B 26 -21.76 -17.10 3.41
CA GLN B 26 -21.78 -15.66 3.68
C GLN B 26 -20.99 -15.35 4.96
N ALA B 27 -20.96 -16.31 5.88
CA ALA B 27 -20.16 -16.17 7.09
C ALA B 27 -18.70 -16.58 6.88
N LEU B 28 -18.40 -17.20 5.75
CA LEU B 28 -17.01 -17.45 5.38
C LEU B 28 -16.27 -16.11 5.16
N LEU B 29 -17.00 -15.09 4.69
CA LEU B 29 -16.46 -13.75 4.50
C LEU B 29 -16.34 -12.99 5.81
N GLY B 30 -17.27 -13.25 6.71
CA GLY B 30 -17.45 -12.44 7.91
C GLY B 30 -16.43 -12.66 9.01
N ASN B 31 -15.95 -13.89 9.17
CA ASN B 31 -15.04 -14.19 10.29
C ASN B 31 -14.13 -15.42 10.07
N ARG B 32 -12.93 -15.30 10.71
CA ARG B 32 -11.86 -16.33 10.66
C ARG B 32 -12.27 -17.66 11.27
N ASN B 33 -13.04 -17.60 12.35
CA ASN B 33 -13.38 -18.80 13.13
C ASN B 33 -14.11 -19.90 12.32
N LYS B 34 -15.11 -19.45 11.55
CA LYS B 34 -15.88 -20.36 10.70
C LYS B 34 -15.15 -20.84 9.45
N ARG B 35 -14.29 -19.99 8.87
CA ARG B 35 -13.42 -20.38 7.76
C ARG B 35 -12.68 -21.67 8.13
N THR B 36 -11.91 -21.56 9.25
CA THR B 36 -10.91 -22.58 9.63
C THR B 36 -11.57 -23.83 10.22
N ARG B 37 -12.88 -23.76 10.50
CA ARG B 37 -13.64 -24.92 10.90
C ARG B 37 -14.11 -25.72 9.68
N ALA B 38 -14.28 -25.01 8.55
CA ALA B 38 -14.77 -25.64 7.33
C ALA B 38 -13.64 -26.03 6.38
N GLY B 39 -12.42 -25.53 6.66
CA GLY B 39 -11.27 -25.75 5.78
C GLY B 39 -11.42 -25.22 4.37
N GLU B 40 -12.11 -24.06 4.22
CA GLU B 40 -12.28 -23.36 2.92
C GLU B 40 -12.49 -21.84 3.01
N PHE B 41 -12.30 -21.16 1.88
CA PHE B 41 -12.50 -19.72 1.79
C PHE B 41 -12.97 -19.28 0.39
N LEU B 42 -13.47 -18.05 0.31
CA LEU B 42 -14.00 -17.50 -0.94
C LEU B 42 -12.94 -16.75 -1.78
N VAL B 43 -12.96 -17.00 -3.10
CA VAL B 43 -12.08 -16.33 -4.05
C VAL B 43 -12.96 -15.78 -5.17
N GLY B 45 -13.23 -13.53 -8.88
CA GLY B 45 -12.57 -13.10 -10.11
C GLY B 45 -12.12 -14.26 -10.98
N VAL B 46 -12.31 -14.14 -12.29
CA VAL B 46 -11.84 -15.18 -13.20
C VAL B 46 -10.32 -15.39 -13.10
N ARG B 47 -9.56 -14.30 -12.96
CA ARG B 47 -8.10 -14.41 -12.99
C ARG B 47 -7.52 -15.07 -11.73
N PRO B 48 -7.87 -14.59 -10.54
CA PRO B 48 -7.42 -15.25 -9.31
C PRO B 48 -7.86 -16.71 -9.23
N ILE B 49 -9.08 -17.02 -9.62
CA ILE B 49 -9.55 -18.40 -9.63
C ILE B 49 -8.69 -19.26 -10.57
N SER B 50 -8.32 -18.73 -11.72
CA SER B 50 -7.47 -19.44 -12.68
C SER B 50 -6.08 -19.69 -12.12
N LEU B 51 -5.54 -18.76 -11.37
CA LEU B 51 -4.25 -18.96 -10.71
C LEU B 51 -4.35 -20.06 -9.65
N ALA B 52 -5.48 -20.13 -8.94
CA ALA B 52 -5.71 -21.16 -7.93
C ALA B 52 -5.67 -22.56 -8.54
N VAL B 53 -6.38 -22.71 -9.65
CA VAL B 53 -6.50 -23.97 -10.39
C VAL B 53 -5.15 -24.35 -10.99
N GLU B 54 -4.49 -23.35 -11.55
CA GLU B 54 -3.20 -23.54 -12.22
C GLU B 54 -2.14 -24.04 -11.25
N HIS B 55 -2.23 -23.63 -9.99
CA HIS B 55 -1.21 -23.93 -8.98
C HIS B 55 -1.56 -25.10 -8.05
N GLY B 56 -2.65 -25.80 -8.33
CA GLY B 56 -2.96 -27.05 -7.66
C GLY B 56 -3.94 -26.99 -6.50
N TRP B 57 -4.47 -25.80 -6.20
CA TRP B 57 -5.39 -25.64 -5.08
C TRP B 57 -6.75 -26.20 -5.42
N PRO B 58 -7.25 -27.16 -4.64
CA PRO B 58 -8.55 -27.75 -4.95
C PRO B 58 -9.70 -26.74 -4.89
N VAL B 59 -10.50 -26.70 -5.94
CA VAL B 59 -11.72 -25.89 -6.00
C VAL B 59 -12.90 -26.81 -5.72
N ARG B 60 -13.44 -26.73 -4.51
CA ARG B 60 -14.57 -27.59 -4.11
C ARG B 60 -15.88 -27.17 -4.81
N THR B 61 -16.13 -25.87 -4.87
CA THR B 61 -17.33 -25.33 -5.51
C THR B 61 -17.00 -24.10 -6.36
N LEU B 62 -17.84 -23.85 -7.37
CA LEU B 62 -17.64 -22.76 -8.32
C LEU B 62 -18.97 -22.06 -8.65
N LEU B 63 -19.20 -20.93 -7.99
CA LEU B 63 -20.46 -20.20 -8.07
C LEU B 63 -20.41 -19.18 -9.22
N TYR B 64 -21.45 -19.12 -10.06
CA TYR B 64 -21.43 -18.24 -11.23
C TYR B 64 -22.77 -17.58 -11.55
N ASP B 65 -22.70 -16.38 -12.13
CA ASP B 65 -23.87 -15.56 -12.39
C ASP B 65 -24.68 -16.14 -13.57
N GLY B 66 -26.01 -16.13 -13.43
CA GLY B 66 -26.91 -16.74 -14.42
C GLY B 66 -28.05 -15.77 -14.82
N LEU B 70 -21.19 -14.13 -17.86
CA LEU B 70 -21.39 -14.00 -19.33
C LEU B 70 -20.06 -13.77 -20.10
N SER B 71 -18.95 -13.57 -19.39
CA SER B 71 -17.65 -13.26 -20.02
C SER B 71 -16.97 -14.50 -20.62
N LYS B 72 -16.02 -14.29 -21.52
CA LYS B 72 -15.40 -15.37 -22.28
C LYS B 72 -14.49 -16.20 -21.38
N TRP B 73 -13.73 -15.54 -20.53
CA TRP B 73 -12.87 -16.18 -19.55
C TRP B 73 -13.70 -17.02 -18.58
N ALA B 74 -14.79 -16.47 -18.06
CA ALA B 74 -15.64 -17.18 -17.10
C ALA B 74 -16.22 -18.46 -17.69
N ARG B 75 -16.65 -18.39 -18.96
CA ARG B 75 -17.23 -19.53 -19.67
C ARG B 75 -16.21 -20.65 -19.83
N GLU B 76 -14.99 -20.26 -20.18
CA GLU B 76 -13.92 -21.22 -20.38
C GLU B 76 -13.60 -21.96 -19.07
N LEU B 77 -13.74 -21.24 -17.95
CA LEU B 77 -13.51 -21.81 -16.61
C LEU B 77 -14.53 -22.89 -16.30
N LEU B 78 -15.78 -22.67 -16.69
CA LEU B 78 -16.84 -23.62 -16.39
C LEU B 78 -16.65 -24.98 -17.09
N ARG B 79 -16.07 -25.00 -18.29
CA ARG B 79 -15.90 -26.28 -19.00
C ARG B 79 -14.46 -26.81 -19.00
N THR B 80 -13.65 -26.29 -18.08
CA THR B 80 -12.30 -26.79 -17.85
C THR B 80 -12.15 -27.31 -16.41
N VAL B 81 -12.82 -26.65 -15.46
CA VAL B 81 -12.75 -27.00 -14.04
C VAL B 81 -13.93 -27.92 -13.66
N ARG B 82 -13.66 -29.22 -13.57
CA ARG B 82 -14.72 -30.22 -13.30
C ARG B 82 -14.92 -30.41 -11.78
N THR B 83 -15.88 -29.63 -11.27
CA THR B 83 -16.18 -29.61 -9.84
C THR B 83 -17.66 -29.25 -9.66
N GLU B 84 -18.09 -28.97 -8.43
CA GLU B 84 -19.46 -28.56 -8.19
C GLU B 84 -19.71 -27.16 -8.76
N GLN B 85 -20.56 -27.06 -9.78
CA GLN B 85 -20.84 -25.78 -10.44
C GLN B 85 -22.29 -25.35 -10.22
N ILE B 86 -22.48 -24.25 -9.48
CA ILE B 86 -23.81 -23.77 -9.11
C ILE B 86 -24.08 -22.36 -9.65
N ALA B 87 -25.12 -22.23 -10.47
CA ALA B 87 -25.58 -20.92 -10.95
C ALA B 87 -26.29 -20.14 -9.85
N ALA B 89 -28.17 -16.15 -8.46
CA ALA B 89 -28.87 -14.92 -8.80
C ALA B 89 -27.90 -13.73 -8.65
N PRO B 90 -27.98 -12.76 -9.56
CA PRO B 90 -27.21 -11.51 -9.44
C PRO B 90 -27.36 -10.78 -8.09
N ASP B 91 -28.49 -10.95 -7.41
CA ASP B 91 -28.73 -10.32 -6.12
C ASP B 91 -27.75 -10.86 -5.09
N LEU B 92 -27.67 -12.18 -5.01
CA LEU B 92 -26.93 -12.88 -3.95
C LEU B 92 -25.41 -12.78 -4.09
N LEU B 93 -24.91 -12.74 -5.33
CA LEU B 93 -23.47 -12.60 -5.60
C LEU B 93 -22.94 -11.25 -5.13
N GLU B 95 -22.42 -9.04 -2.58
CA GLU B 95 -22.36 -9.06 -1.11
C GLU B 95 -21.33 -8.04 -0.56
N LEU B 96 -20.29 -7.73 -1.37
CA LEU B 96 -19.26 -6.75 -1.03
C LEU B 96 -19.37 -5.48 -1.89
N PRO B 103 -18.93 -5.81 -8.43
CA PRO B 103 -19.54 -7.08 -7.94
C PRO B 103 -19.08 -8.27 -8.80
N PRO B 104 -18.88 -9.44 -8.19
CA PRO B 104 -18.27 -10.57 -8.89
C PRO B 104 -19.21 -11.24 -9.90
N GLU B 105 -18.61 -11.85 -10.93
CA GLU B 105 -19.35 -12.66 -11.90
C GLU B 105 -19.14 -14.16 -11.60
N VAL B 106 -17.95 -14.52 -11.15
CA VAL B 106 -17.65 -15.86 -10.68
C VAL B 106 -17.08 -15.81 -9.27
N VAL B 107 -17.34 -16.84 -8.48
CA VAL B 107 -16.79 -16.96 -7.12
C VAL B 107 -16.49 -18.44 -6.81
N ALA B 108 -15.27 -18.73 -6.39
CA ALA B 108 -14.88 -20.09 -6.00
C ALA B 108 -14.82 -20.26 -4.49
N VAL B 109 -15.25 -21.43 -4.01
CA VAL B 109 -14.93 -21.90 -2.66
C VAL B 109 -13.67 -22.78 -2.82
N VAL B 110 -12.52 -22.28 -2.33
CA VAL B 110 -11.21 -22.90 -2.52
C VAL B 110 -10.61 -23.43 -1.22
N GLU B 111 -10.04 -24.65 -1.31
CA GLU B 111 -9.58 -25.40 -0.14
C GLU B 111 -8.38 -24.74 0.51
N PRO B 113 -5.20 -24.91 2.61
CA PRO B 113 -4.17 -25.92 2.86
C PRO B 113 -3.59 -25.77 4.25
N ALA B 114 -2.95 -26.84 4.78
CA ALA B 114 -2.39 -26.79 6.13
C ALA B 114 -1.27 -25.76 6.21
N ASP B 115 -1.04 -25.25 7.42
CA ASP B 115 0.05 -24.30 7.69
C ASP B 115 1.33 -25.08 8.00
N ASP B 116 1.92 -25.60 6.92
CA ASP B 116 3.16 -26.38 6.94
C ASP B 116 4.26 -25.48 6.37
N LEU B 117 5.33 -25.25 7.14
CA LEU B 117 6.44 -24.40 6.72
C LEU B 117 7.30 -24.97 5.58
N ASP B 118 7.15 -26.25 5.28
CA ASP B 118 7.91 -26.87 4.18
C ASP B 118 7.25 -26.68 2.82
N ARG B 119 6.03 -26.14 2.81
CA ARG B 119 5.41 -25.57 1.61
C ARG B 119 6.26 -24.47 0.98
N ILE B 120 7.01 -23.75 1.82
CA ILE B 120 7.93 -22.73 1.37
C ILE B 120 9.22 -23.43 0.97
N PRO B 121 9.62 -23.35 -0.30
CA PRO B 121 10.87 -23.96 -0.74
C PRO B 121 12.06 -23.13 -0.28
N VAL B 122 13.12 -23.78 0.17
CA VAL B 122 14.33 -23.10 0.65
C VAL B 122 15.52 -23.66 -0.13
N ARG B 123 16.14 -22.78 -0.93
CA ARG B 123 17.32 -23.14 -1.72
C ARG B 123 18.38 -22.10 -1.43
N GLU B 124 19.52 -22.19 -2.13
CA GLU B 124 20.67 -21.32 -1.84
C GLU B 124 20.35 -19.81 -1.92
N ASP B 125 19.45 -19.42 -2.83
CA ASP B 125 19.04 -18.03 -3.04
C ASP B 125 17.83 -17.65 -2.18
N PHE B 126 17.69 -18.32 -1.04
CA PHE B 126 16.47 -18.20 -0.25
C PHE B 126 16.19 -16.72 0.00
N LEU B 127 14.94 -16.30 -0.19
CA LEU B 127 14.53 -14.92 0.04
C LEU B 127 13.10 -14.98 0.55
N GLY B 128 12.89 -14.61 1.81
CA GLY B 128 11.63 -14.85 2.49
C GLY B 128 11.20 -13.62 3.26
N VAL B 129 9.94 -13.58 3.67
CA VAL B 129 9.44 -12.51 4.51
C VAL B 129 8.68 -13.07 5.74
N LEU B 130 8.82 -12.40 6.87
CA LEU B 130 8.09 -12.71 8.10
C LEU B 130 7.38 -11.44 8.53
N PHE B 131 6.05 -11.49 8.65
CA PHE B 131 5.24 -10.35 9.05
C PHE B 131 4.81 -10.61 10.50
N ASP B 132 5.42 -9.89 11.43
CA ASP B 132 5.18 -10.10 12.86
C ASP B 132 3.92 -9.37 13.38
N ARG B 133 2.88 -10.16 13.62
CA ARG B 133 1.64 -9.70 14.25
C ARG B 133 0.87 -8.62 13.49
N PRO B 134 0.74 -8.74 12.19
CA PRO B 134 0.06 -7.70 11.40
C PRO B 134 -1.41 -7.51 11.86
N THR B 135 -1.88 -6.25 11.84
CA THR B 135 -3.27 -5.95 12.14
C THR B 135 -4.12 -5.70 10.92
N SER B 136 -3.48 -5.45 9.78
CA SER B 136 -4.15 -5.10 8.52
C SER B 136 -4.07 -6.28 7.56
N PRO B 137 -5.20 -6.89 7.23
CA PRO B 137 -5.19 -7.97 6.23
C PRO B 137 -4.78 -7.43 4.85
N GLY B 138 -5.20 -6.21 4.55
CA GLY B 138 -4.79 -5.52 3.35
C GLY B 138 -3.28 -5.46 3.17
N ASN B 139 -2.53 -5.24 4.26
CA ASN B 139 -1.07 -5.26 4.21
C ASN B 139 -0.52 -6.68 3.95
N ILE B 140 -1.17 -7.70 4.50
CA ILE B 140 -0.74 -9.08 4.29
C ILE B 140 -0.79 -9.43 2.80
N GLY B 141 -1.96 -9.25 2.18
CA GLY B 141 -2.13 -9.60 0.77
C GLY B 141 -1.21 -8.78 -0.12
N SER B 142 -1.05 -7.52 0.26
CA SER B 142 -0.18 -6.61 -0.46
C SER B 142 1.27 -7.08 -0.45
N ILE B 143 1.78 -7.51 0.69
CA ILE B 143 3.14 -8.04 0.77
C ILE B 143 3.22 -9.35 0.03
N ILE B 144 2.15 -10.13 0.00
CA ILE B 144 2.18 -11.35 -0.79
C ILE B 144 2.38 -11.03 -2.28
N ARG B 145 1.67 -10.03 -2.78
CA ARG B 145 1.79 -9.60 -4.18
C ARG B 145 3.21 -9.12 -4.49
N SER B 146 3.77 -8.28 -3.63
CA SER B 146 5.15 -7.79 -3.83
C SER B 146 6.19 -8.91 -3.71
N ALA B 147 6.01 -9.81 -2.75
CA ALA B 147 6.96 -10.92 -2.60
C ALA B 147 6.97 -11.80 -3.85
N ASP B 148 5.78 -12.06 -4.36
CA ASP B 148 5.60 -12.84 -5.59
C ASP B 148 6.20 -12.12 -6.80
N ALA B 149 5.88 -10.85 -7.02
CA ALA B 149 6.42 -10.13 -8.18
C ALA B 149 7.94 -9.98 -8.15
N LEU B 150 8.51 -9.77 -6.96
CA LEU B 150 9.93 -9.50 -6.82
C LEU B 150 10.81 -10.73 -6.43
N GLY B 151 10.39 -11.93 -6.81
CA GLY B 151 11.21 -13.12 -6.60
C GLY B 151 11.42 -13.73 -5.22
N ALA B 152 10.66 -13.33 -4.20
CA ALA B 152 10.74 -14.01 -2.90
C ALA B 152 10.03 -15.35 -2.98
N HIS B 153 10.36 -16.25 -2.06
CA HIS B 153 9.94 -17.66 -2.14
C HIS B 153 8.85 -18.03 -1.13
N GLY B 154 8.62 -17.19 -0.13
CA GLY B 154 7.51 -17.41 0.78
C GLY B 154 7.26 -16.26 1.74
N LEU B 155 6.07 -16.25 2.33
CA LEU B 155 5.74 -15.36 3.44
C LEU B 155 5.39 -16.18 4.67
N ILE B 156 5.75 -15.65 5.84
CA ILE B 156 5.35 -16.21 7.12
C ILE B 156 4.62 -15.13 7.90
N VAL B 157 3.41 -15.42 8.33
CA VAL B 157 2.64 -14.52 9.17
C VAL B 157 2.74 -15.07 10.61
N ALA B 158 3.59 -14.46 11.42
CA ALA B 158 3.88 -14.93 12.76
C ALA B 158 3.01 -14.22 13.80
N GLY B 159 2.54 -14.96 14.80
CA GLY B 159 1.90 -14.39 16.00
C GLY B 159 0.44 -14.03 15.84
N HIS B 160 -0.14 -13.47 16.95
CA HIS B 160 -1.49 -12.92 16.90
C HIS B 160 -1.66 -12.05 15.64
N ALA B 161 -2.22 -12.63 14.60
CA ALA B 161 -2.29 -11.95 13.32
C ALA B 161 -3.72 -11.75 12.86
N ALA B 162 -3.89 -10.82 11.93
CA ALA B 162 -5.04 -10.84 11.05
C ALA B 162 -4.83 -12.05 10.16
N ASP B 163 -5.92 -12.55 9.59
CA ASP B 163 -5.95 -13.82 8.87
C ASP B 163 -5.58 -13.65 7.39
N VAL B 164 -4.69 -14.53 6.88
CA VAL B 164 -4.22 -14.49 5.47
C VAL B 164 -5.44 -14.65 4.54
N TYR B 165 -6.42 -15.43 5.02
CA TYR B 165 -7.65 -15.80 4.28
C TYR B 165 -8.90 -14.91 4.57
N ASP B 166 -8.65 -13.76 5.23
CA ASP B 166 -9.52 -12.57 5.16
C ASP B 166 -9.71 -12.11 3.68
N PRO B 167 -10.96 -11.79 3.29
CA PRO B 167 -11.25 -11.25 1.94
C PRO B 167 -10.41 -10.06 1.50
N LYS B 168 -10.06 -9.16 2.42
CA LYS B 168 -9.23 -8.00 2.05
C LYS B 168 -7.80 -8.40 1.72
N SER B 169 -7.31 -9.45 2.37
CA SER B 169 -6.01 -10.02 2.05
C SER B 169 -6.03 -10.77 0.71
N VAL B 170 -6.97 -11.71 0.56
CA VAL B 170 -7.12 -12.45 -0.69
C VAL B 170 -7.17 -11.46 -1.88
N ARG B 171 -8.13 -10.54 -1.86
CA ARG B 171 -8.29 -9.47 -2.84
C ARG B 171 -7.01 -8.68 -3.19
N SER B 172 -6.31 -8.17 -2.18
CA SER B 172 -5.11 -7.36 -2.42
C SER B 172 -3.88 -8.17 -2.84
N SER B 173 -3.89 -9.48 -2.62
CA SER B 173 -2.84 -10.35 -3.18
C SER B 173 -2.95 -10.39 -4.70
N THR B 174 -4.16 -10.15 -5.22
CA THR B 174 -4.45 -10.13 -6.65
C THR B 174 -4.07 -11.47 -7.28
N GLY B 175 -4.47 -12.55 -6.62
CA GLY B 175 -4.11 -13.89 -7.07
C GLY B 175 -2.75 -14.44 -6.66
N SER B 176 -1.86 -13.59 -6.14
CA SER B 176 -0.51 -14.04 -5.77
C SER B 176 -0.48 -15.01 -4.59
N LEU B 177 -1.57 -15.05 -3.83
CA LEU B 177 -1.72 -16.00 -2.75
C LEU B 177 -1.45 -17.42 -3.24
N PHE B 178 -1.86 -17.67 -4.48
CA PHE B 178 -1.85 -18.99 -5.04
C PHE B 178 -0.49 -19.44 -5.54
N SER B 179 0.38 -18.47 -5.87
CA SER B 179 1.74 -18.75 -6.35
C SER B 179 2.82 -18.54 -5.27
N LEU B 180 2.55 -17.68 -4.29
CA LEU B 180 3.50 -17.40 -3.21
C LEU B 180 2.96 -18.04 -1.93
N PRO B 181 3.61 -19.10 -1.44
CA PRO B 181 3.13 -19.81 -0.25
C PRO B 181 3.23 -18.98 1.02
N ALA B 182 2.09 -18.79 1.69
CA ALA B 182 1.95 -17.93 2.85
C ALA B 182 1.50 -18.81 4.00
N VAL B 183 2.36 -18.96 5.01
CA VAL B 183 2.12 -19.86 6.14
C VAL B 183 1.87 -19.07 7.42
N ARG B 184 0.71 -19.30 8.04
CA ARG B 184 0.41 -18.72 9.35
C ARG B 184 1.01 -19.64 10.39
N VAL B 185 1.82 -19.08 11.30
CA VAL B 185 2.51 -19.86 12.32
C VAL B 185 2.38 -19.13 13.65
N PRO B 186 1.47 -19.59 14.52
CA PRO B 186 1.24 -18.93 15.81
C PRO B 186 2.55 -18.49 16.49
N SER B 187 3.44 -19.45 16.77
CA SER B 187 4.61 -19.15 17.59
C SER B 187 5.83 -18.78 16.72
N PRO B 188 6.67 -17.88 17.22
CA PRO B 188 7.97 -17.60 16.61
C PRO B 188 9.00 -18.70 16.90
N GLY B 189 8.73 -19.54 17.90
CA GLY B 189 9.57 -20.69 18.21
C GLY B 189 9.52 -21.76 17.13
N GLU B 190 8.33 -21.98 16.55
CA GLU B 190 8.17 -22.97 15.49
C GLU B 190 8.84 -22.50 14.18
N VAL B 191 8.95 -21.17 14.03
CA VAL B 191 9.67 -20.57 12.90
C VAL B 191 11.16 -20.84 12.99
N ASP B 193 12.75 -23.22 14.51
CA ASP B 193 13.07 -24.65 14.37
C ASP B 193 13.17 -25.00 12.89
N TRP B 194 12.27 -24.42 12.10
CA TRP B 194 12.32 -24.57 10.65
C TRP B 194 13.48 -23.77 9.98
N VAL B 195 13.88 -22.67 10.63
CA VAL B 195 15.05 -21.91 10.22
C VAL B 195 16.34 -22.63 10.55
N GLU B 196 16.40 -23.24 11.73
CA GLU B 196 17.60 -23.95 12.17
C GLU B 196 17.80 -25.16 11.25
N ALA B 197 16.70 -25.71 10.71
CA ALA B 197 16.78 -26.95 9.95
C ALA B 197 17.28 -26.69 8.53
N ARG B 198 16.91 -25.55 7.98
CA ARG B 198 17.42 -25.15 6.67
C ARG B 198 18.93 -24.84 6.75
N ARG B 199 19.32 -24.17 7.85
CA ARG B 199 20.75 -24.04 8.24
C ARG B 199 21.51 -25.37 8.25
N ALA B 200 20.91 -26.40 8.84
CA ALA B 200 21.57 -27.72 8.98
C ALA B 200 21.75 -28.35 7.60
N ALA B 201 20.84 -28.06 6.68
CA ALA B 201 20.92 -28.57 5.31
C ALA B 201 22.04 -27.94 4.48
N GLY B 202 22.46 -26.73 4.85
CA GLY B 202 23.53 -26.03 4.14
C GLY B 202 23.22 -24.57 3.81
N THR B 203 21.93 -24.23 3.69
CA THR B 203 21.51 -22.83 3.37
C THR B 203 21.60 -21.92 4.62
N PRO B 204 22.48 -20.92 4.60
CA PRO B 204 22.77 -20.13 5.80
C PRO B 204 21.91 -18.93 5.83
N ILE B 205 20.64 -19.18 6.13
CA ILE B 205 19.65 -18.14 6.22
C ILE B 205 20.09 -17.13 7.28
N VAL B 206 19.83 -15.85 7.03
CA VAL B 206 20.13 -14.83 8.03
C VAL B 206 18.87 -14.01 8.27
N LEU B 207 18.48 -13.87 9.53
CA LEU B 207 17.32 -13.07 9.89
C LEU B 207 17.68 -11.59 9.87
N VAL B 208 16.83 -10.77 9.26
CA VAL B 208 17.13 -9.38 9.01
C VAL B 208 15.93 -8.55 9.37
N GLY B 209 16.03 -7.80 10.45
CA GLY B 209 14.94 -6.95 10.91
C GLY B 209 14.94 -5.62 10.21
N THR B 210 13.77 -4.99 10.15
CA THR B 210 13.65 -3.60 9.76
C THR B 210 13.41 -2.82 11.03
N ASP B 211 13.85 -1.56 11.05
CA ASP B 211 13.80 -0.77 12.27
C ASP B 211 13.61 0.72 12.02
N GLU B 212 13.13 1.41 13.05
CA GLU B 212 13.20 2.86 13.14
C GLU B 212 14.63 3.23 13.57
N HIS B 213 15.31 2.29 14.24
CA HIS B 213 16.66 2.47 14.77
C HIS B 213 17.77 1.78 13.95
N GLY B 214 17.52 1.56 12.65
CA GLY B 214 18.41 0.77 11.81
C GLY B 214 19.92 0.88 12.02
N ASP B 215 20.57 -0.29 12.13
CA ASP B 215 22.03 -0.41 12.21
C ASP B 215 22.68 0.18 10.96
N CYS B 216 22.26 -0.34 9.80
CA CYS B 216 22.84 0.05 8.51
C CYS B 216 21.79 0.36 7.46
N ASP B 217 22.20 1.17 6.49
CA ASP B 217 21.37 1.44 5.33
C ASP B 217 21.08 0.10 4.64
N VAL B 218 19.87 -0.03 4.11
CA VAL B 218 19.44 -1.27 3.48
C VAL B 218 20.38 -1.63 2.32
N PHE B 219 20.93 -0.62 1.65
CA PHE B 219 21.77 -0.82 0.46
C PHE B 219 23.23 -1.16 0.78
N ASP B 220 23.63 -0.96 2.04
CA ASP B 220 24.93 -1.43 2.51
C ASP B 220 24.87 -2.93 2.92
N PHE B 221 23.69 -3.54 2.96
CA PHE B 221 23.59 -4.92 3.45
C PHE B 221 23.55 -5.91 2.28
N ASP B 222 24.07 -7.11 2.50
CA ASP B 222 24.25 -8.11 1.45
C ASP B 222 23.01 -9.02 1.28
N PHE B 223 22.10 -8.64 0.39
CA PHE B 223 20.91 -9.44 0.10
C PHE B 223 21.10 -10.56 -0.94
N THR B 224 22.34 -10.79 -1.38
CA THR B 224 22.66 -11.96 -2.21
C THR B 224 22.76 -13.27 -1.40
N GLN B 225 22.66 -13.17 -0.07
CA GLN B 225 22.70 -14.34 0.79
C GLN B 225 21.28 -14.83 1.14
N PRO B 226 21.14 -16.11 1.49
CA PRO B 226 19.85 -16.63 1.95
C PRO B 226 19.31 -15.78 3.11
N THR B 227 18.14 -15.18 2.93
CA THR B 227 17.67 -14.10 3.78
C THR B 227 16.20 -14.26 4.14
N LEU B 228 15.89 -14.25 5.44
CA LEU B 228 14.53 -14.01 5.88
C LEU B 228 14.43 -12.56 6.37
N LEU B 229 13.51 -11.80 5.78
CA LEU B 229 13.30 -10.39 6.09
C LEU B 229 12.14 -10.22 7.09
N LEU B 230 12.44 -9.71 8.28
CA LEU B 230 11.44 -9.53 9.32
C LEU B 230 10.87 -8.10 9.25
N ILE B 231 9.55 -8.01 9.21
CA ILE B 231 8.83 -6.76 9.06
C ILE B 231 7.80 -6.66 10.18
N GLY B 232 7.71 -5.50 10.80
CA GLY B 232 6.89 -5.33 11.97
C GLY B 232 5.47 -4.84 11.72
N ASN B 233 4.65 -5.00 12.74
CA ASN B 233 3.39 -4.30 12.89
C ASN B 233 3.46 -2.85 12.39
N GLU B 234 2.30 -2.36 11.99
CA GLU B 234 2.16 -1.02 11.39
C GLU B 234 2.22 0.08 12.44
N THR B 235 1.74 -0.25 13.65
CA THR B 235 1.52 0.70 14.73
C THR B 235 2.56 0.54 15.87
N ALA B 236 3.01 -0.69 16.11
CA ALA B 236 4.20 -0.95 16.90
C ALA B 236 5.30 -1.37 15.92
N GLY B 237 6.53 -1.48 16.39
CA GLY B 237 7.59 -1.96 15.51
C GLY B 237 7.56 -3.48 15.36
N LEU B 238 8.73 -4.03 15.04
CA LEU B 238 9.03 -5.42 15.33
C LEU B 238 8.98 -5.60 16.85
N SER B 239 8.57 -6.79 17.30
CA SER B 239 8.62 -7.10 18.71
C SER B 239 10.09 -7.24 19.06
N ASN B 240 10.43 -6.98 20.33
CA ASN B 240 11.82 -7.08 20.74
C ASN B 240 12.33 -8.54 20.50
N ALA B 241 11.47 -9.51 20.85
CA ALA B 241 11.80 -10.93 20.78
C ALA B 241 12.23 -11.34 19.38
N TRP B 242 11.61 -10.72 18.37
CA TRP B 242 12.05 -10.87 16.98
C TRP B 242 13.39 -10.14 16.74
N ARG B 243 13.60 -9.03 17.45
CA ARG B 243 14.85 -8.27 17.40
C ARG B 243 16.03 -9.01 18.04
N THR B 244 15.75 -9.93 18.97
CA THR B 244 16.78 -10.72 19.65
C THR B 244 17.36 -11.75 18.70
N LEU B 245 16.47 -12.36 17.92
CA LEU B 245 16.81 -13.41 16.98
C LEU B 245 17.41 -12.86 15.67
N CYS B 246 17.22 -11.56 15.45
CA CYS B 246 17.72 -10.92 14.24
C CYS B 246 19.24 -10.85 14.23
N ASP B 247 19.84 -11.29 13.13
CA ASP B 247 21.29 -11.25 12.96
C ASP B 247 21.76 -9.87 12.52
N TYR B 248 20.99 -9.24 11.63
CA TYR B 248 21.26 -7.87 11.19
C TYR B 248 19.98 -7.06 11.26
N THR B 249 20.11 -5.73 11.25
CA THR B 249 18.97 -4.84 11.18
C THR B 249 19.25 -3.80 10.12
N VAL B 250 18.26 -3.51 9.28
CA VAL B 250 18.40 -2.50 8.22
C VAL B 250 17.33 -1.41 8.31
N SER B 251 17.65 -0.21 7.84
CA SER B 251 16.66 0.84 7.71
C SER B 251 16.71 1.49 6.33
N ILE B 252 15.54 1.91 5.85
CA ILE B 252 15.43 2.77 4.68
C ILE B 252 15.68 4.20 5.14
N PRO B 253 16.60 4.92 4.52
CA PRO B 253 16.90 6.28 4.94
C PRO B 253 15.76 7.23 4.64
N ALA B 255 13.57 11.17 5.19
CA ALA B 255 13.80 12.60 4.99
C ALA B 255 13.97 13.33 6.32
N GLY B 256 13.40 12.80 7.39
CA GLY B 256 13.45 13.50 8.66
C GLY B 256 12.64 12.90 9.80
N SER B 257 12.34 13.77 10.77
CA SER B 257 11.78 13.39 12.05
C SER B 257 10.52 12.49 11.99
N ALA B 258 9.38 13.06 11.60
CA ALA B 258 8.07 12.40 11.75
C ALA B 258 7.61 11.69 10.48
N SER B 259 8.52 10.98 9.81
CA SER B 259 8.16 10.25 8.61
C SER B 259 8.44 8.76 8.72
N SER B 260 7.45 7.97 8.35
CA SER B 260 7.56 6.51 8.30
C SER B 260 6.87 5.98 7.05
N LEU B 261 7.10 4.69 6.78
CA LEU B 261 6.49 4.00 5.65
C LEU B 261 5.48 2.97 6.13
N ASN B 262 4.36 2.86 5.44
CA ASN B 262 3.45 1.74 5.54
C ASN B 262 4.25 0.42 5.33
N ALA B 263 3.91 -0.61 6.09
CA ALA B 263 4.73 -1.82 6.17
C ALA B 263 4.87 -2.52 4.83
N ALA B 264 3.78 -2.57 4.07
CA ALA B 264 3.83 -3.14 2.75
C ALA B 264 4.71 -2.36 1.79
N ASN B 265 4.67 -1.03 1.86
CA ASN B 265 5.50 -0.17 1.02
C ASN B 265 6.99 -0.32 1.35
N ALA B 266 7.31 -0.33 2.64
CA ALA B 266 8.67 -0.51 3.08
C ALA B 266 9.17 -1.89 2.68
N ALA B 267 8.32 -2.89 2.85
CA ALA B 267 8.71 -4.26 2.50
C ALA B 267 9.00 -4.40 1.01
N THR B 268 8.18 -3.72 0.20
CA THR B 268 8.38 -3.66 -1.25
C THR B 268 9.70 -3.02 -1.63
N ALA B 269 10.04 -1.91 -1.00
CA ALA B 269 11.28 -1.21 -1.30
C ALA B 269 12.50 -2.09 -0.99
N ILE B 270 12.44 -2.85 0.09
CA ILE B 270 13.58 -3.65 0.56
C ILE B 270 13.75 -4.89 -0.31
N LEU B 271 12.64 -5.52 -0.65
CA LEU B 271 12.64 -6.59 -1.63
C LEU B 271 13.17 -6.11 -2.99
N TYR B 272 12.83 -4.89 -3.41
CA TYR B 272 13.33 -4.36 -4.66
C TYR B 272 14.85 -4.21 -4.57
N GLU B 273 15.35 -3.79 -3.43
CA GLU B 273 16.80 -3.63 -3.21
C GLU B 273 17.51 -4.96 -3.27
N ALA B 274 16.86 -5.99 -2.76
CA ALA B 274 17.42 -7.35 -2.80
C ALA B 274 17.51 -7.86 -4.24
N VAL B 275 16.42 -7.72 -5.00
CA VAL B 275 16.41 -7.99 -6.45
C VAL B 275 17.53 -7.20 -7.14
N ARG B 276 17.66 -5.91 -6.85
CA ARG B 276 18.65 -5.09 -7.53
C ARG B 276 20.07 -5.65 -7.35
N GLN B 277 20.42 -6.00 -6.12
CA GLN B 277 21.76 -6.53 -5.82
C GLN B 277 22.02 -7.87 -6.46
N ARG B 278 20.98 -8.71 -6.51
CA ARG B 278 21.12 -10.05 -7.08
C ARG B 278 21.34 -10.01 -8.58
N ILE B 279 20.61 -9.12 -9.24
CA ILE B 279 20.80 -8.87 -10.66
C ILE B 279 22.13 -8.17 -10.94
N SER B 280 22.46 -7.18 -10.12
CA SER B 280 23.69 -6.40 -10.26
C SER B 280 24.95 -7.20 -9.96
N GLY B 281 24.84 -8.23 -9.14
CA GLY B 281 26.00 -9.01 -8.69
C GLY B 281 26.79 -8.35 -7.55
N ARG B 282 26.34 -7.15 -7.16
CA ARG B 282 26.91 -6.43 -6.04
C ARG B 282 25.94 -5.39 -5.50
N THR B 283 26.29 -4.85 -4.33
CA THR B 283 25.72 -3.60 -3.82
C THR B 283 26.30 -2.45 -4.67
N ALA B 284 27.63 -2.49 -4.86
CA ALA B 284 28.42 -1.47 -5.61
C ALA B 284 28.01 -1.34 -7.07
#